data_7VKK
#
_entry.id   7VKK
#
_cell.length_a   168.494
_cell.length_b   168.494
_cell.length_c   168.494
_cell.angle_alpha   90.000
_cell.angle_beta   90.000
_cell.angle_gamma   90.000
#
_symmetry.space_group_name_H-M   'I 2 3'
#
loop_
_entity.id
_entity.type
_entity.pdbx_description
1 polymer 'S-adenosylmethionine sensor upstream of mTORC1'
2 non-polymer 2-AMINO-2-HYDROXYMETHYL-PROPANE-1,3-DIOL
3 non-polymer 'SULFATE ION'
#
_entity_poly.entity_id   1
_entity_poly.type   'polypeptide(L)'
_entity_poly.pdbx_seq_one_letter_code
;GSMATEEHQRLASIVKSCHESLRQLTKEYGATAAWQEHTSPRNAKQLAEYAKAMKQLAAIWETNDGKWPLQARSRIKWAI
DYITKYFFTEGIYLQKRQREQRLLESYRAEGKLGEVQCRLMEEPPDRLHVLDVGSCFNPFSSAPHLEVTALDLCPATEDV
LQADFLKVEVVPGIREPELEEGSVRRLPASHYECVIFSLLLEYMPSAEQRLQCCLQAYDLLLPEGILVLITPDSQHVGKN
AHLMKNWRYSLARIGLLRVRFEKLPHISCMVFRKAISRELSQHWASIHREEGMCEEIRIPQDDS
;
_entity_poly.pdbx_strand_id   A,B
#
# COMPACT_ATOMS: atom_id res chain seq x y z
N MET A 3 5.64 16.84 25.53
CA MET A 3 5.75 15.39 25.19
C MET A 3 4.62 15.00 24.24
N ALA A 4 4.22 13.72 24.29
CA ALA A 4 3.13 13.18 23.48
C ALA A 4 1.78 13.89 23.70
N THR A 5 1.69 14.67 24.77
CA THR A 5 0.50 15.49 25.04
C THR A 5 0.31 16.51 23.92
N GLU A 6 1.40 17.18 23.51
CA GLU A 6 1.39 18.09 22.36
C GLU A 6 1.09 17.35 21.06
N GLU A 7 1.68 16.17 20.91
CA GLU A 7 1.50 15.33 19.72
C GLU A 7 0.01 15.01 19.50
N HIS A 8 -0.63 14.42 20.50
CA HIS A 8 -2.05 14.06 20.41
C HIS A 8 -2.96 15.28 20.30
N GLN A 9 -2.64 16.32 21.07
CA GLN A 9 -3.41 17.57 21.03
C GLN A 9 -3.41 18.19 19.63
N ARG A 10 -2.31 18.01 18.90
CA ARG A 10 -2.23 18.45 17.51
C ARG A 10 -2.91 17.47 16.56
N LEU A 11 -2.73 16.18 16.82
CA LEU A 11 -3.32 15.13 15.99
C LEU A 11 -4.85 15.28 15.88
N ALA A 12 -5.52 15.30 17.03
CA ALA A 12 -6.98 15.45 17.10
C ALA A 12 -7.47 16.72 16.40
N SER A 13 -6.71 17.81 16.54
CA SER A 13 -7.07 19.07 15.90
C SER A 13 -6.95 18.97 14.38
N ILE A 14 -5.90 18.32 13.89
CA ILE A 14 -5.73 18.14 12.44
C ILE A 14 -6.92 17.36 11.88
N VAL A 15 -7.32 16.28 12.56
CA VAL A 15 -8.43 15.44 12.07
C VAL A 15 -9.79 16.17 12.09
N LYS A 16 -9.97 17.08 13.06
CA LYS A 16 -11.18 17.90 13.08
C LYS A 16 -11.16 18.89 11.92
N SER A 17 -9.97 19.45 11.63
CA SER A 17 -9.78 20.37 10.52
C SER A 17 -10.07 19.65 9.20
N CYS A 18 -9.64 18.40 9.12
CA CYS A 18 -9.81 17.58 7.93
C CYS A 18 -11.27 17.20 7.72
N HIS A 19 -11.94 16.75 8.78
CA HIS A 19 -13.37 16.42 8.71
C HIS A 19 -14.21 17.61 8.24
N GLU A 20 -14.02 18.76 8.89
CA GLU A 20 -14.71 19.99 8.51
C GLU A 20 -14.42 20.33 7.05
N SER A 21 -13.15 20.41 6.68
CA SER A 21 -12.77 20.80 5.31
C SER A 21 -13.33 19.87 4.26
N LEU A 22 -13.32 18.57 4.54
CA LEU A 22 -13.84 17.59 3.58
C LEU A 22 -15.35 17.60 3.40
N ARG A 23 -16.08 17.84 4.49
CA ARG A 23 -17.52 18.08 4.41
C ARG A 23 -17.81 19.23 3.43
N GLN A 24 -17.08 20.34 3.60
CA GLN A 24 -17.19 21.51 2.73
C GLN A 24 -16.90 21.16 1.28
N LEU A 25 -15.73 20.55 1.04
CA LEU A 25 -15.31 20.16 -0.30
C LEU A 25 -16.30 19.22 -1.02
N THR A 26 -16.81 18.21 -0.31
CA THR A 26 -17.86 17.34 -0.86
C THR A 26 -19.07 18.12 -1.35
N LYS A 27 -19.54 19.07 -0.52
CA LYS A 27 -20.67 19.94 -0.91
C LYS A 27 -20.39 20.63 -2.26
N GLU A 28 -19.18 21.16 -2.43
CA GLU A 28 -18.78 21.86 -3.64
C GLU A 28 -18.68 20.96 -4.87
N TYR A 29 -18.04 19.81 -4.70
CA TYR A 29 -17.73 18.90 -5.81
C TYR A 29 -18.82 17.88 -6.13
N GLY A 30 -19.72 17.66 -5.16
CA GLY A 30 -20.87 16.77 -5.34
C GLY A 30 -20.55 15.30 -5.21
N ALA A 31 -19.34 14.91 -5.62
CA ALA A 31 -18.85 13.51 -5.59
C ALA A 31 -17.34 13.46 -5.77
N THR A 32 -16.78 12.26 -5.61
CA THR A 32 -15.33 12.06 -5.79
C THR A 32 -14.98 11.87 -7.25
N ALA A 33 -13.69 12.03 -7.56
CA ALA A 33 -13.17 11.89 -8.92
C ALA A 33 -13.52 10.54 -9.57
N ALA A 34 -13.38 9.46 -8.82
CA ALA A 34 -13.66 8.09 -9.32
C ALA A 34 -15.13 7.89 -9.65
N TRP A 35 -15.98 8.45 -8.81
CA TRP A 35 -17.42 8.42 -9.00
C TRP A 35 -17.82 9.02 -10.34
N GLN A 36 -17.38 10.24 -10.59
CA GLN A 36 -17.66 10.93 -11.85
C GLN A 36 -17.15 10.11 -13.03
N GLU A 37 -15.86 9.74 -12.96
CA GLU A 37 -15.17 8.99 -14.02
C GLU A 37 -15.83 7.63 -14.33
N HIS A 38 -16.56 7.10 -13.34
CA HIS A 38 -17.18 5.77 -13.44
C HIS A 38 -18.69 5.73 -13.74
N THR A 39 -19.42 6.76 -13.30
CA THR A 39 -20.86 6.81 -13.54
C THR A 39 -21.23 7.10 -15.00
N SER A 40 -20.20 7.33 -15.81
CA SER A 40 -20.35 7.54 -17.25
C SER A 40 -19.41 6.55 -17.97
N PRO A 41 -19.85 5.29 -18.13
CA PRO A 41 -18.98 4.28 -18.71
C PRO A 41 -18.91 4.37 -20.22
N ARG A 42 -17.69 4.48 -20.77
CA ARG A 42 -17.48 4.50 -22.22
C ARG A 42 -17.22 3.11 -22.81
N ASN A 43 -16.74 2.19 -21.97
CA ASN A 43 -16.43 0.84 -22.41
C ASN A 43 -17.34 -0.16 -21.71
N ALA A 44 -17.45 -1.34 -22.32
CA ALA A 44 -18.13 -2.48 -21.71
C ALA A 44 -17.50 -2.83 -20.36
N LYS A 45 -16.16 -2.82 -20.30
CA LYS A 45 -15.44 -2.97 -19.04
C LYS A 45 -15.89 -1.89 -18.04
N GLN A 46 -16.07 -0.66 -18.53
CA GLN A 46 -16.43 0.43 -17.66
C GLN A 46 -17.82 0.27 -17.06
N LEU A 47 -18.77 -0.20 -17.86
CA LEU A 47 -20.12 -0.49 -17.37
C LEU A 47 -20.12 -1.71 -16.45
N ALA A 48 -19.20 -2.65 -16.70
CA ALA A 48 -19.03 -3.78 -15.79
C ALA A 48 -18.61 -3.28 -14.40
N GLU A 49 -17.58 -2.42 -14.37
CA GLU A 49 -17.08 -1.80 -13.14
C GLU A 49 -18.19 -1.07 -12.41
N TYR A 50 -18.98 -0.31 -13.18
CA TYR A 50 -20.17 0.35 -12.69
C TYR A 50 -21.13 -0.63 -12.04
N ALA A 51 -21.46 -1.71 -12.77
CA ALA A 51 -22.46 -2.67 -12.29
C ALA A 51 -22.04 -3.43 -11.03
N LYS A 52 -20.77 -3.85 -10.99
CA LYS A 52 -20.17 -4.47 -9.79
C LYS A 52 -20.16 -3.50 -8.63
N ALA A 53 -19.92 -2.23 -8.91
CA ALA A 53 -19.94 -1.20 -7.89
C ALA A 53 -21.33 -0.97 -7.33
N MET A 54 -22.34 -1.10 -8.18
CA MET A 54 -23.74 -0.99 -7.75
C MET A 54 -24.12 -2.13 -6.82
N LYS A 55 -23.68 -3.34 -7.15
CA LYS A 55 -23.88 -4.51 -6.29
C LYS A 55 -23.16 -4.31 -4.96
N GLN A 56 -21.95 -3.76 -5.02
CA GLN A 56 -21.19 -3.38 -3.83
C GLN A 56 -21.94 -2.36 -2.95
N LEU A 57 -22.63 -1.43 -3.60
CA LEU A 57 -23.35 -0.40 -2.88
C LEU A 57 -24.61 -0.92 -2.22
N ALA A 58 -25.41 -1.70 -2.97
CA ALA A 58 -26.56 -2.39 -2.39
C ALA A 58 -26.12 -3.17 -1.16
N ALA A 59 -25.03 -3.94 -1.30
CA ALA A 59 -24.48 -4.76 -0.24
C ALA A 59 -23.98 -3.96 0.98
N ILE A 60 -23.38 -2.80 0.75
CA ILE A 60 -22.90 -1.93 1.83
C ILE A 60 -24.05 -1.24 2.58
N TRP A 61 -25.13 -0.96 1.86
CA TRP A 61 -26.29 -0.31 2.44
C TRP A 61 -27.09 -1.24 3.36
N GLU A 62 -27.36 -2.46 2.89
CA GLU A 62 -28.12 -3.45 3.69
C GLU A 62 -27.26 -3.97 4.86
N THR A 63 -26.01 -4.32 4.57
CA THR A 63 -25.08 -4.86 5.57
C THR A 63 -24.31 -3.77 6.34
N ASN A 64 -24.40 -3.85 7.66
CA ASN A 64 -23.90 -2.81 8.59
C ASN A 64 -24.62 -1.48 8.35
N ASP A 65 -24.03 -0.39 8.85
CA ASP A 65 -24.53 0.98 8.70
C ASP A 65 -23.52 1.89 9.40
N GLY A 66 -23.48 3.15 8.97
CA GLY A 66 -22.61 4.17 9.59
C GLY A 66 -21.12 3.95 9.43
N LYS A 67 -20.76 2.88 8.72
CA LYS A 67 -19.37 2.56 8.43
C LYS A 67 -19.23 2.26 6.95
N TRP A 68 -18.58 3.18 6.26
CA TRP A 68 -18.03 2.92 4.93
C TRP A 68 -16.75 2.09 5.13
N PRO A 69 -16.70 0.88 4.51
CA PRO A 69 -15.66 -0.13 4.76
C PRO A 69 -14.24 0.41 4.89
N LEU A 70 -13.76 1.08 3.85
CA LEU A 70 -12.43 1.67 3.85
C LEU A 70 -12.44 2.83 4.81
N GLN A 71 -11.92 2.58 6.00
CA GLN A 71 -11.75 3.65 6.97
C GLN A 71 -10.32 4.12 6.84
N ALA A 72 -10.17 5.34 6.32
CA ALA A 72 -8.86 5.97 6.14
C ALA A 72 -8.16 6.13 7.48
N ARG A 73 -6.84 6.00 7.46
CA ARG A 73 -6.09 6.14 8.70
C ARG A 73 -5.73 7.60 8.96
N SER A 74 -5.45 7.89 10.22
CA SER A 74 -5.22 9.24 10.69
C SER A 74 -4.07 10.00 9.98
N ARG A 75 -2.96 9.30 9.74
CA ARG A 75 -1.79 9.89 9.07
C ARG A 75 -2.14 10.40 7.69
N ILE A 76 -2.90 9.58 6.96
CA ILE A 76 -3.43 9.93 5.64
C ILE A 76 -4.32 11.17 5.73
N LYS A 77 -5.14 11.23 6.78
CA LYS A 77 -6.00 12.39 7.02
C LYS A 77 -5.17 13.65 7.17
N TRP A 78 -4.01 13.55 7.85
CA TRP A 78 -3.08 14.65 7.91
C TRP A 78 -2.62 15.09 6.52
N ALA A 79 -2.32 14.12 5.67
CA ALA A 79 -1.79 14.37 4.33
C ALA A 79 -2.78 15.14 3.49
N ILE A 80 -4.06 14.76 3.56
CA ILE A 80 -5.14 15.46 2.87
C ILE A 80 -5.24 16.89 3.40
N ASP A 81 -5.30 17.02 4.73
CA ASP A 81 -5.42 18.32 5.39
C ASP A 81 -4.34 19.27 4.90
N TYR A 82 -3.08 18.81 4.97
CA TYR A 82 -1.97 19.63 4.52
C TYR A 82 -2.11 20.07 3.06
N ILE A 83 -2.41 19.12 2.17
CA ILE A 83 -2.55 19.42 0.74
C ILE A 83 -3.61 20.50 0.52
N THR A 84 -4.75 20.32 1.16
CA THR A 84 -5.86 21.26 1.07
C THR A 84 -5.44 22.66 1.53
N LYS A 85 -4.67 22.73 2.61
CA LYS A 85 -4.22 24.02 3.12
C LYS A 85 -3.17 24.66 2.23
N TYR A 86 -2.25 23.84 1.74
CA TYR A 86 -1.15 24.31 0.89
C TYR A 86 -1.63 24.96 -0.42
N PHE A 87 -2.66 24.37 -1.05
CA PHE A 87 -3.14 24.84 -2.34
C PHE A 87 -4.39 25.73 -2.29
N PHE A 88 -5.27 25.47 -1.32
CA PHE A 88 -6.61 26.06 -1.30
C PHE A 88 -6.93 26.96 -0.10
N THR A 89 -7.05 26.35 1.07
CA THR A 89 -7.59 27.03 2.26
C THR A 89 -6.60 28.03 2.88
N GLU A 90 -5.32 27.73 2.80
CA GLU A 90 -4.30 28.58 3.41
C GLU A 90 -3.30 29.20 2.44
N GLY A 91 -3.48 28.92 1.14
CA GLY A 91 -2.56 29.39 0.09
C GLY A 91 -1.10 29.41 0.52
N ILE A 92 -0.67 28.35 1.20
CA ILE A 92 0.67 28.24 1.76
C ILE A 92 1.74 28.27 0.65
N TYR A 93 1.39 27.77 -0.53
CA TYR A 93 2.31 27.86 -1.69
C TYR A 93 2.68 29.30 -2.01
N LEU A 94 1.73 30.21 -1.82
CA LEU A 94 1.99 31.63 -2.01
C LEU A 94 2.86 32.19 -0.91
N GLN A 95 2.57 31.79 0.34
CA GLN A 95 3.37 32.15 1.51
C GLN A 95 4.83 31.75 1.31
N LYS A 96 5.01 30.52 0.83
CA LYS A 96 6.33 30.00 0.54
C LYS A 96 6.97 30.66 -0.67
N ARG A 97 6.16 31.02 -1.68
CA ARG A 97 6.66 31.78 -2.83
C ARG A 97 7.26 33.13 -2.41
N GLN A 98 6.59 33.82 -1.47
CA GLN A 98 7.12 35.06 -0.90
C GLN A 98 8.41 34.83 -0.11
N ARG A 99 8.39 33.87 0.82
CA ARG A 99 9.56 33.51 1.64
C ARG A 99 10.75 33.02 0.81
N GLU A 100 10.45 32.46 -0.36
CA GLU A 100 11.48 31.97 -1.28
C GLU A 100 12.02 33.06 -2.21
N GLN A 101 11.14 33.90 -2.74
CA GLN A 101 11.58 35.03 -3.56
C GLN A 101 12.47 35.96 -2.75
N ARG A 102 12.13 36.16 -1.47
CA ARG A 102 12.93 36.98 -0.55
C ARG A 102 14.35 36.47 -0.44
N LEU A 103 14.51 35.15 -0.34
CA LEU A 103 15.82 34.54 -0.24
C LEU A 103 16.61 34.66 -1.53
N LEU A 104 15.95 34.49 -2.68
CA LEU A 104 16.61 34.66 -3.98
C LEU A 104 17.14 36.08 -4.10
N GLU A 105 16.29 37.06 -3.77
CA GLU A 105 16.70 38.45 -3.67
C GLU A 105 17.97 38.59 -2.84
N SER A 106 17.98 38.01 -1.64
CA SER A 106 19.11 38.04 -0.70
C SER A 106 20.38 37.39 -1.23
N TYR A 107 20.21 36.37 -2.07
CA TYR A 107 21.34 35.67 -2.65
C TYR A 107 21.96 36.40 -3.82
N ARG A 108 21.11 37.00 -4.65
CA ARG A 108 21.57 37.83 -5.74
C ARG A 108 22.15 39.13 -5.20
N ALA A 109 21.69 39.54 -4.02
CA ALA A 109 22.22 40.72 -3.32
C ALA A 109 23.64 40.48 -2.83
N GLU A 110 23.87 39.33 -2.20
CA GLU A 110 25.24 38.88 -1.87
C GLU A 110 26.07 38.71 -3.14
N GLY A 111 25.40 38.44 -4.25
CA GLY A 111 26.06 38.08 -5.51
C GLY A 111 26.46 36.61 -5.52
N LYS A 112 25.97 35.86 -4.52
CA LYS A 112 26.28 34.44 -4.36
C LYS A 112 25.53 33.58 -5.39
N LEU A 113 24.29 33.97 -5.71
CA LEU A 113 23.57 33.43 -6.87
C LEU A 113 23.54 34.48 -7.98
N GLY A 114 23.83 34.05 -9.20
CA GLY A 114 23.84 34.96 -10.38
C GLY A 114 22.44 35.32 -10.82
N GLU A 115 22.26 35.50 -12.13
CA GLU A 115 20.91 35.64 -12.69
C GLU A 115 20.28 34.26 -12.79
N VAL A 116 18.98 34.18 -12.53
CA VAL A 116 18.26 32.90 -12.58
C VAL A 116 16.92 33.02 -13.30
N GLN A 117 16.68 32.08 -14.21
CA GLN A 117 15.35 31.85 -14.77
C GLN A 117 14.64 30.86 -13.87
N CYS A 118 13.40 31.18 -13.49
CA CYS A 118 12.61 30.35 -12.59
C CYS A 118 11.36 29.80 -13.29
N ARG A 119 10.53 29.10 -12.51
CA ARG A 119 9.24 28.62 -12.97
C ARG A 119 8.28 28.62 -11.77
N LEU A 120 7.19 29.37 -11.90
CA LEU A 120 6.13 29.45 -10.89
C LEU A 120 4.84 28.80 -11.40
N MET A 121 3.97 28.38 -10.48
CA MET A 121 2.74 27.68 -10.87
C MET A 121 1.55 28.63 -11.03
N GLU A 122 0.73 28.35 -12.05
CA GLU A 122 -0.51 29.09 -12.26
C GLU A 122 -1.50 28.80 -11.13
N GLU A 123 -2.65 29.50 -11.13
CA GLU A 123 -3.72 29.28 -10.15
C GLU A 123 -4.01 27.77 -10.04
N PRO A 124 -4.29 27.29 -8.81
CA PRO A 124 -4.48 25.84 -8.61
C PRO A 124 -5.77 25.37 -9.28
N PRO A 125 -5.73 24.20 -9.97
CA PRO A 125 -6.94 23.68 -10.61
C PRO A 125 -7.92 23.12 -9.57
N ASP A 126 -9.18 23.00 -9.98
CA ASP A 126 -10.26 22.55 -9.10
C ASP A 126 -10.07 21.10 -8.60
N ARG A 127 -9.48 20.24 -9.42
CA ARG A 127 -9.08 18.90 -8.95
C ARG A 127 -7.59 18.72 -9.08
N LEU A 128 -6.92 18.39 -7.98
CA LEU A 128 -5.46 18.37 -7.93
C LEU A 128 -4.87 17.01 -8.26
N HIS A 129 -3.95 17.01 -9.23
CA HIS A 129 -3.29 15.80 -9.68
C HIS A 129 -2.40 15.25 -8.58
N VAL A 130 -2.76 14.06 -8.08
CA VAL A 130 -2.00 13.44 -7.00
C VAL A 130 -1.47 12.08 -7.41
N LEU A 131 -0.18 11.87 -7.20
CA LEU A 131 0.46 10.63 -7.55
C LEU A 131 0.81 9.87 -6.28
N ASP A 132 -0.02 8.90 -5.94
CA ASP A 132 0.17 8.11 -4.73
C ASP A 132 1.02 6.89 -5.03
N VAL A 133 2.32 7.01 -4.74
CA VAL A 133 3.27 5.96 -5.10
C VAL A 133 3.40 4.93 -3.99
N GLY A 134 3.39 3.67 -4.41
CA GLY A 134 3.34 2.54 -3.48
C GLY A 134 2.08 2.65 -2.64
N SER A 135 0.94 2.59 -3.33
CA SER A 135 -0.34 2.85 -2.73
C SER A 135 -0.99 1.56 -2.27
N CYS A 136 -1.58 1.61 -1.08
CA CYS A 136 -2.44 0.56 -0.58
C CYS A 136 -3.84 1.13 -0.53
N PHE A 137 -4.68 0.63 -1.44
CA PHE A 137 -6.11 0.95 -1.53
C PHE A 137 -6.41 2.37 -2.01
N ASN A 138 -5.49 2.96 -2.79
CA ASN A 138 -5.63 4.32 -3.35
C ASN A 138 -6.48 5.23 -2.47
N PRO A 139 -6.01 5.49 -1.22
CA PRO A 139 -6.93 6.09 -0.24
C PRO A 139 -7.28 7.54 -0.57
N PHE A 140 -6.34 8.29 -1.13
CA PHE A 140 -6.58 9.67 -1.50
C PHE A 140 -7.67 9.84 -2.56
N SER A 141 -8.15 8.73 -3.12
CA SER A 141 -9.29 8.74 -4.02
C SER A 141 -10.57 9.13 -3.29
N SER A 142 -10.59 8.93 -1.97
CA SER A 142 -11.74 9.23 -1.12
C SER A 142 -12.04 10.72 -1.05
N ALA A 143 -11.01 11.54 -1.18
CA ALA A 143 -11.23 12.98 -1.11
C ALA A 143 -11.81 13.53 -2.43
N PRO A 144 -12.72 14.52 -2.33
CA PRO A 144 -13.41 15.05 -3.53
C PRO A 144 -12.52 15.84 -4.49
N HIS A 145 -11.65 16.68 -3.96
CA HIS A 145 -10.84 17.58 -4.79
C HIS A 145 -9.61 16.92 -5.41
N LEU A 146 -9.41 15.63 -5.13
CA LEU A 146 -8.20 14.95 -5.57
C LEU A 146 -8.40 14.10 -6.80
N GLU A 147 -7.50 14.30 -7.76
CA GLU A 147 -7.45 13.46 -8.95
C GLU A 147 -6.20 12.60 -8.86
N VAL A 148 -6.41 11.36 -8.41
CA VAL A 148 -5.29 10.53 -7.94
C VAL A 148 -4.82 9.57 -9.01
N THR A 149 -3.50 9.42 -9.12
CA THR A 149 -2.90 8.37 -9.92
C THR A 149 -2.10 7.50 -8.96
N ALA A 150 -2.64 6.32 -8.70
CA ALA A 150 -2.07 5.39 -7.74
C ALA A 150 -1.38 4.25 -8.47
N LEU A 151 -0.28 3.79 -7.89
CA LEU A 151 0.53 2.71 -8.44
C LEU A 151 1.30 2.00 -7.35
N ASP A 152 1.17 0.68 -7.31
CA ASP A 152 1.95 -0.16 -6.40
C ASP A 152 2.72 -1.17 -7.22
N LEU A 153 3.83 -1.64 -6.66
CA LEU A 153 4.58 -2.72 -7.28
C LEU A 153 3.69 -3.93 -7.47
N CYS A 154 2.94 -4.28 -6.43
CA CYS A 154 2.01 -5.36 -6.50
C CYS A 154 0.64 -4.84 -6.06
N PRO A 155 -0.11 -4.24 -6.99
CA PRO A 155 -1.42 -3.72 -6.63
C PRO A 155 -2.39 -4.85 -6.39
N ALA A 156 -3.32 -4.64 -5.47
CA ALA A 156 -4.35 -5.63 -5.16
C ALA A 156 -5.77 -5.19 -5.55
N THR A 157 -5.91 -3.95 -6.01
CA THR A 157 -7.18 -3.43 -6.48
C THR A 157 -7.12 -3.29 -8.00
N GLU A 158 -8.29 -3.33 -8.66
CA GLU A 158 -8.36 -3.13 -10.10
C GLU A 158 -7.88 -1.73 -10.49
N ASP A 159 -8.01 -0.77 -9.57
CA ASP A 159 -7.74 0.64 -9.83
C ASP A 159 -6.36 1.18 -9.41
N VAL A 160 -5.46 0.29 -9.01
CA VAL A 160 -4.08 0.70 -8.76
C VAL A 160 -3.25 0.09 -9.89
N LEU A 161 -2.26 0.85 -10.37
CA LEU A 161 -1.54 0.45 -11.58
C LEU A 161 -0.29 -0.33 -11.27
N GLN A 162 -0.14 -1.47 -11.94
CA GLN A 162 1.10 -2.23 -11.93
C GLN A 162 2.26 -1.32 -12.33
N ALA A 163 3.27 -1.19 -11.47
CA ALA A 163 4.42 -0.32 -11.75
C ALA A 163 5.57 -0.44 -10.76
N ASP A 164 6.80 -0.47 -11.31
CA ASP A 164 8.01 -0.22 -10.52
C ASP A 164 8.41 1.22 -10.73
N PHE A 165 8.30 2.01 -9.67
CA PHE A 165 8.50 3.45 -9.72
C PHE A 165 9.86 3.83 -10.31
N LEU A 166 10.92 3.17 -9.82
CA LEU A 166 12.28 3.47 -10.26
C LEU A 166 12.51 3.16 -11.73
N LYS A 167 11.59 2.40 -12.33
CA LYS A 167 11.75 1.89 -13.69
C LYS A 167 10.92 2.62 -14.75
N VAL A 168 10.29 3.74 -14.40
CA VAL A 168 9.41 4.43 -15.34
C VAL A 168 10.12 5.64 -15.96
N GLU A 169 10.06 5.76 -17.29
CA GLU A 169 10.55 6.95 -17.99
C GLU A 169 9.56 8.08 -17.76
N VAL A 170 10.06 9.20 -17.26
CA VAL A 170 9.26 10.41 -17.01
C VAL A 170 9.48 11.36 -18.21
N VAL A 171 8.62 11.18 -19.21
CA VAL A 171 8.83 11.79 -20.51
C VAL A 171 7.88 12.96 -20.68
N PRO A 172 8.42 14.19 -20.89
CA PRO A 172 7.55 15.36 -21.05
C PRO A 172 6.88 15.38 -22.41
N GLY A 173 5.71 16.02 -22.47
CA GLY A 173 4.98 16.19 -23.72
C GLY A 173 3.74 15.33 -23.86
N ILE A 174 3.55 14.39 -22.94
CA ILE A 174 2.28 13.64 -22.83
C ILE A 174 1.54 14.08 -21.57
N ARG A 175 0.24 13.82 -21.55
CA ARG A 175 -0.61 14.25 -20.44
C ARG A 175 -1.27 13.07 -19.71
N GLU A 176 -0.91 11.85 -20.11
CA GLU A 176 -1.49 10.64 -19.55
C GLU A 176 -0.43 9.57 -19.33
N PRO A 177 -0.59 8.76 -18.27
CA PRO A 177 0.30 7.61 -18.09
C PRO A 177 0.19 6.62 -19.24
N GLU A 178 1.33 6.12 -19.69
CA GLU A 178 1.39 5.15 -20.78
C GLU A 178 1.70 3.76 -20.25
N LEU A 179 0.76 2.84 -20.47
CA LEU A 179 0.85 1.48 -19.96
C LEU A 179 1.13 0.50 -21.10
N GLU A 180 2.33 -0.08 -21.07
CA GLU A 180 2.71 -1.08 -22.03
C GLU A 180 2.79 -2.43 -21.33
N GLU A 181 1.87 -3.33 -21.72
CA GLU A 181 1.76 -4.71 -21.21
C GLU A 181 1.12 -4.78 -19.82
N GLY A 182 0.18 -3.88 -19.54
CA GLY A 182 -0.54 -3.88 -18.27
C GLY A 182 0.17 -3.27 -17.06
N SER A 183 1.43 -2.88 -17.24
CA SER A 183 2.19 -2.15 -16.22
C SER A 183 2.83 -0.92 -16.86
N VAL A 184 2.80 0.20 -16.13
CA VAL A 184 3.18 1.53 -16.66
C VAL A 184 4.62 1.63 -17.16
N ARG A 185 4.74 2.11 -18.40
CA ARG A 185 6.05 2.30 -19.04
C ARG A 185 6.52 3.74 -18.97
N ARG A 186 5.61 4.68 -19.27
CA ARG A 186 5.95 6.10 -19.38
C ARG A 186 4.96 6.96 -18.60
N LEU A 187 5.49 8.02 -17.97
CA LEU A 187 4.68 9.01 -17.21
C LEU A 187 4.82 10.44 -17.73
N PRO A 188 3.73 11.26 -17.65
CA PRO A 188 3.84 12.66 -18.06
C PRO A 188 4.71 13.48 -17.10
N ALA A 189 5.75 14.11 -17.64
CA ALA A 189 6.73 14.84 -16.83
C ALA A 189 6.23 16.23 -16.48
N SER A 190 6.46 16.61 -15.22
CA SER A 190 5.95 17.85 -14.61
C SER A 190 4.44 17.98 -14.81
N HIS A 191 3.69 17.18 -14.05
CA HIS A 191 2.26 17.08 -14.26
C HIS A 191 1.48 17.12 -12.95
N TYR A 192 2.05 16.52 -11.91
CA TYR A 192 1.33 16.32 -10.67
C TYR A 192 1.58 17.46 -9.68
N GLU A 193 0.51 17.93 -9.04
CA GLU A 193 0.65 18.88 -7.93
C GLU A 193 1.32 18.25 -6.74
N CYS A 194 1.00 16.99 -6.49
CA CYS A 194 1.49 16.32 -5.31
C CYS A 194 1.90 14.88 -5.58
N VAL A 195 2.99 14.48 -4.93
CA VAL A 195 3.46 13.10 -4.96
C VAL A 195 3.59 12.60 -3.52
N ILE A 196 3.00 11.43 -3.27
CA ILE A 196 2.96 10.86 -1.94
C ILE A 196 3.74 9.56 -1.90
N PHE A 197 4.89 9.61 -1.22
CA PHE A 197 5.64 8.41 -0.91
C PHE A 197 4.95 7.69 0.25
N SER A 198 3.85 7.02 -0.11
CA SER A 198 3.13 6.11 0.78
C SER A 198 4.05 4.96 1.16
N LEU A 199 4.56 4.24 0.16
CA LEU A 199 5.66 3.31 0.37
C LEU A 199 6.92 4.11 0.67
N LEU A 200 7.23 4.19 1.96
CA LEU A 200 8.44 4.81 2.48
C LEU A 200 9.74 4.26 1.88
N LEU A 201 10.77 5.11 1.79
CA LEU A 201 12.04 4.74 1.17
C LEU A 201 13.00 4.05 2.14
N GLU A 202 13.01 2.71 2.10
CA GLU A 202 13.99 1.85 2.81
C GLU A 202 13.82 0.39 2.41
N ALA A 207 20.09 3.73 -0.64
CA ALA A 207 21.05 4.80 -0.88
C ALA A 207 20.83 5.44 -2.25
N GLU A 208 21.26 4.74 -3.30
CA GLU A 208 21.15 5.21 -4.68
C GLU A 208 19.69 5.14 -5.15
N GLN A 209 19.06 3.99 -4.91
CA GLN A 209 17.62 3.81 -5.16
C GLN A 209 16.84 4.79 -4.28
N ARG A 210 17.17 4.81 -2.98
CA ARG A 210 16.53 5.67 -1.96
C ARG A 210 16.53 7.16 -2.33
N LEU A 211 17.40 7.54 -3.27
CA LEU A 211 17.51 8.92 -3.72
C LEU A 211 16.86 9.11 -5.07
N GLN A 212 17.12 8.20 -6.00
CA GLN A 212 16.62 8.35 -7.37
C GLN A 212 15.09 8.44 -7.41
N CYS A 213 14.42 7.74 -6.50
CA CYS A 213 12.96 7.88 -6.38
C CYS A 213 12.55 9.35 -6.19
N CYS A 214 13.30 10.09 -5.38
CA CYS A 214 13.05 11.52 -5.16
C CYS A 214 13.35 12.37 -6.38
N LEU A 215 14.34 11.96 -7.17
CA LEU A 215 14.64 12.64 -8.43
C LEU A 215 13.48 12.54 -9.41
N GLN A 216 12.94 11.33 -9.55
CA GLN A 216 11.79 11.07 -10.41
C GLN A 216 10.60 11.89 -9.94
N ALA A 217 10.37 11.92 -8.62
CA ALA A 217 9.31 12.72 -8.01
C ALA A 217 9.44 14.19 -8.42
N TYR A 218 10.64 14.73 -8.28
CA TYR A 218 10.93 16.10 -8.67
C TYR A 218 10.54 16.36 -10.12
N ASP A 219 10.92 15.43 -11.01
CA ASP A 219 10.60 15.55 -12.42
C ASP A 219 9.10 15.52 -12.67
N LEU A 220 8.38 14.71 -11.89
CA LEU A 220 6.93 14.55 -12.01
C LEU A 220 6.14 15.72 -11.44
N LEU A 221 6.75 16.39 -10.47
CA LEU A 221 6.10 17.52 -9.84
C LEU A 221 6.10 18.72 -10.76
N LEU A 222 5.00 19.48 -10.69
CA LEU A 222 4.93 20.81 -11.26
C LEU A 222 5.80 21.75 -10.44
N PRO A 223 6.10 22.96 -10.97
CA PRO A 223 6.70 23.97 -10.11
C PRO A 223 5.85 24.17 -8.86
N GLU A 224 6.50 24.28 -7.71
CA GLU A 224 5.85 24.49 -6.39
C GLU A 224 4.97 23.32 -5.92
N GLY A 225 5.16 22.16 -6.54
CA GLY A 225 4.49 20.93 -6.10
C GLY A 225 4.98 20.48 -4.75
N ILE A 226 4.34 19.48 -4.20
CA ILE A 226 4.75 18.95 -2.90
C ILE A 226 5.02 17.46 -2.95
N LEU A 227 6.01 17.04 -2.17
CA LEU A 227 6.35 15.64 -1.99
C LEU A 227 6.17 15.28 -0.52
N VAL A 228 5.29 14.32 -0.27
CA VAL A 228 4.86 14.01 1.09
C VAL A 228 5.36 12.63 1.51
N LEU A 229 6.01 12.59 2.68
CA LEU A 229 6.68 11.40 3.20
C LEU A 229 6.18 11.08 4.57
N ILE A 230 5.74 9.84 4.73
CA ILE A 230 5.31 9.36 6.03
C ILE A 230 6.31 8.29 6.42
N THR A 231 6.89 8.44 7.60
CA THR A 231 7.83 7.46 8.15
C THR A 231 7.60 7.36 9.67
N PRO A 232 7.47 6.12 10.19
CA PRO A 232 7.24 5.91 11.64
C PRO A 232 8.44 6.26 12.52
N ASP A 233 8.22 6.21 13.83
CA ASP A 233 9.30 6.36 14.81
C ASP A 233 10.33 5.21 14.75
N SER A 234 9.96 4.12 14.07
CA SER A 234 10.84 2.96 13.86
C SER A 234 11.79 3.19 12.68
N ALA A 241 17.16 11.04 13.89
CA ALA A 241 16.87 12.34 14.50
C ALA A 241 17.69 13.47 13.87
N HIS A 242 19.01 13.30 13.81
CA HIS A 242 19.89 14.21 13.08
C HIS A 242 20.10 13.79 11.63
N LEU A 243 19.71 12.56 11.29
CA LEU A 243 19.73 12.04 9.92
C LEU A 243 18.89 12.91 9.00
N MET A 244 17.76 13.37 9.54
CA MET A 244 16.76 14.17 8.81
C MET A 244 17.34 15.46 8.24
N LYS A 245 18.16 16.15 9.04
CA LYS A 245 18.92 17.31 8.57
C LYS A 245 19.98 16.86 7.56
N ASN A 246 20.66 15.76 7.86
CA ASN A 246 21.77 15.26 7.03
C ASN A 246 21.37 14.89 5.61
N TRP A 247 20.06 14.78 5.38
CA TRP A 247 19.54 14.53 4.03
C TRP A 247 18.39 15.44 3.64
N ARG A 248 18.00 16.33 4.55
CA ARG A 248 17.29 17.53 4.15
C ARG A 248 18.25 18.37 3.31
N TYR A 249 19.54 18.35 3.67
CA TYR A 249 20.58 18.80 2.76
C TYR A 249 20.45 18.10 1.41
N SER A 250 20.42 16.76 1.42
CA SER A 250 20.44 15.96 0.17
C SER A 250 19.24 16.21 -0.72
N LEU A 251 18.07 16.38 -0.08
CA LEU A 251 16.85 16.75 -0.80
C LEU A 251 16.87 18.17 -1.34
N ALA A 252 17.39 19.05 -0.52
CA ALA A 252 17.56 20.39 -0.94
C ALA A 252 18.52 20.34 -2.08
N ARG A 253 19.46 19.42 -2.08
CA ARG A 253 20.39 19.38 -3.17
C ARG A 253 19.72 19.05 -4.45
N ILE A 254 18.79 18.12 -4.43
CA ILE A 254 18.12 17.72 -5.65
C ILE A 254 17.32 18.84 -6.19
N GLY A 255 16.65 19.57 -5.31
CA GLY A 255 15.83 20.67 -5.72
C GLY A 255 14.59 20.94 -4.90
N LEU A 256 14.39 20.37 -3.73
CA LEU A 256 13.17 20.66 -3.00
C LEU A 256 13.43 21.05 -1.60
N LEU A 257 12.56 21.85 -0.97
CA LEU A 257 12.90 22.27 0.37
C LEU A 257 11.84 21.84 1.37
N ARG A 258 12.29 21.40 2.55
CA ARG A 258 11.38 20.96 3.60
C ARG A 258 10.49 22.12 4.02
N VAL A 259 9.25 22.11 3.55
CA VAL A 259 8.29 23.17 3.88
C VAL A 259 7.33 22.79 5.00
N ARG A 260 7.38 21.53 5.44
CA ARG A 260 6.63 21.08 6.63
C ARG A 260 7.21 19.83 7.27
N PHE A 261 7.25 19.85 8.60
CA PHE A 261 7.55 18.68 9.39
C PHE A 261 6.63 18.65 10.61
N GLU A 262 5.74 17.67 10.65
CA GLU A 262 4.85 17.48 11.79
C GLU A 262 5.21 16.19 12.52
N LYS A 263 5.05 16.20 13.84
CA LYS A 263 5.28 15.01 14.64
C LYS A 263 3.96 14.43 15.15
N LEU A 264 3.37 13.56 14.33
CA LEU A 264 2.25 12.72 14.73
C LEU A 264 2.68 11.89 15.94
N PRO A 265 1.71 11.39 16.75
CA PRO A 265 2.06 10.59 17.93
C PRO A 265 3.19 9.59 17.69
N HIS A 266 3.00 8.65 16.76
CA HIS A 266 4.03 7.64 16.50
C HIS A 266 4.75 7.85 15.16
N ILE A 267 4.02 8.30 14.15
CA ILE A 267 4.61 8.59 12.85
C ILE A 267 5.23 9.98 12.83
N SER A 268 6.08 10.22 11.82
CA SER A 268 6.62 11.54 11.53
C SER A 268 6.35 11.83 10.06
N CYS A 269 5.97 13.07 9.77
CA CYS A 269 5.43 13.44 8.47
C CYS A 269 6.12 14.67 7.90
N MET A 270 6.57 14.55 6.66
CA MET A 270 7.36 15.58 6.03
C MET A 270 6.78 15.98 4.68
N VAL A 271 6.92 17.26 4.34
CA VAL A 271 6.54 17.77 3.04
C VAL A 271 7.69 18.62 2.53
N PHE A 272 8.18 18.25 1.35
CA PHE A 272 9.14 19.07 0.61
C PHE A 272 8.43 19.70 -0.59
N ARG A 273 8.90 20.87 -0.99
CA ARG A 273 8.31 21.61 -2.11
C ARG A 273 9.35 21.84 -3.18
N LYS A 274 8.96 21.60 -4.43
CA LYS A 274 9.81 21.87 -5.58
C LYS A 274 9.97 23.37 -5.70
N ALA A 275 11.17 23.87 -5.40
CA ALA A 275 11.43 25.32 -5.30
C ALA A 275 11.21 26.02 -6.64
N ILE A 276 11.12 27.35 -6.58
CA ILE A 276 10.92 28.16 -7.78
C ILE A 276 12.09 28.08 -8.78
N SER A 277 13.30 27.95 -8.24
CA SER A 277 14.50 27.70 -9.03
C SER A 277 15.30 26.59 -8.41
N ARG A 278 15.76 25.67 -9.24
CA ARG A 278 16.62 24.57 -8.79
C ARG A 278 17.97 25.09 -8.30
N GLU A 279 18.54 26.06 -9.03
CA GLU A 279 19.79 26.72 -8.66
C GLU A 279 19.71 27.29 -7.24
N LEU A 280 18.55 27.85 -6.90
CA LEU A 280 18.31 28.41 -5.58
C LEU A 280 18.52 27.38 -4.46
N SER A 281 17.81 26.26 -4.55
CA SER A 281 17.87 25.21 -3.53
C SER A 281 19.23 24.52 -3.48
N GLN A 282 19.91 24.41 -4.62
CA GLN A 282 21.25 23.82 -4.69
C GLN A 282 22.29 24.68 -3.96
N HIS A 283 22.22 26.00 -4.18
CA HIS A 283 23.07 26.97 -3.47
C HIS A 283 22.77 26.99 -1.98
N TRP A 284 21.48 26.88 -1.64
CA TRP A 284 21.06 26.77 -0.25
C TRP A 284 21.66 25.57 0.46
N ALA A 285 21.74 24.45 -0.27
CA ALA A 285 22.45 23.26 0.18
C ALA A 285 23.92 23.55 0.50
N SER A 286 24.59 24.29 -0.40
CA SER A 286 25.98 24.72 -0.18
C SER A 286 26.12 25.48 1.14
N ILE A 287 25.28 26.48 1.37
CA ILE A 287 25.29 27.28 2.61
C ILE A 287 25.12 26.39 3.86
N HIS A 288 24.13 25.49 3.80
CA HIS A 288 23.71 24.74 4.98
C HIS A 288 24.31 23.34 5.12
N ARG A 289 25.20 22.96 4.20
CA ARG A 289 25.90 21.67 4.30
C ARG A 289 26.67 21.60 5.62
N GLU A 290 26.14 20.83 6.56
CA GLU A 290 26.86 20.52 7.79
C GLU A 290 27.95 19.52 7.45
N GLU A 291 29.20 19.88 7.77
CA GLU A 291 30.38 19.08 7.43
C GLU A 291 30.27 17.66 7.98
N GLY A 292 30.21 16.70 7.07
CA GLY A 292 29.88 15.32 7.40
C GLY A 292 28.44 15.02 7.02
N MET A 293 28.05 15.41 5.81
CA MET A 293 26.75 15.08 5.25
C MET A 293 26.96 14.43 3.90
N CYS A 294 26.44 13.21 3.75
CA CYS A 294 26.55 12.47 2.49
C CYS A 294 25.70 13.14 1.41
N GLU A 295 26.16 13.00 0.15
CA GLU A 295 25.40 13.46 -1.00
C GLU A 295 24.21 12.52 -1.32
N GLU A 296 24.07 11.46 -0.52
CA GLU A 296 23.02 10.45 -0.70
C GLU A 296 22.10 10.28 0.52
N ILE A 297 21.10 9.43 0.36
CA ILE A 297 19.98 9.30 1.27
C ILE A 297 20.04 7.99 2.07
N ARG A 298 20.45 8.10 3.35
CA ARG A 298 20.83 6.95 4.17
C ARG A 298 20.01 6.77 5.45
N ILE A 299 19.92 5.51 5.91
CA ILE A 299 19.23 5.13 7.14
C ILE A 299 20.17 5.08 8.35
N ASN B 43 -50.27 1.65 -16.87
CA ASN B 43 -49.78 0.64 -15.88
C ASN B 43 -48.25 0.56 -15.87
N ALA B 44 -47.65 1.30 -14.94
CA ALA B 44 -46.19 1.50 -14.88
C ALA B 44 -45.54 1.23 -13.50
N LYS B 45 -45.77 0.02 -12.97
CA LYS B 45 -45.07 -0.45 -11.76
C LYS B 45 -43.58 -0.53 -12.01
N GLN B 46 -43.23 -0.91 -13.25
CA GLN B 46 -41.85 -0.99 -13.68
C GLN B 46 -41.05 0.27 -13.40
N LEU B 47 -41.59 1.43 -13.80
CA LEU B 47 -40.92 2.69 -13.53
C LEU B 47 -40.77 2.88 -12.02
N ALA B 48 -41.86 2.69 -11.26
CA ALA B 48 -41.84 2.80 -9.80
C ALA B 48 -40.72 1.99 -9.14
N GLU B 49 -40.49 0.77 -9.64
CA GLU B 49 -39.37 -0.05 -9.19
C GLU B 49 -38.01 0.61 -9.47
N TYR B 50 -37.83 1.10 -10.70
CA TYR B 50 -36.61 1.83 -11.08
C TYR B 50 -36.42 3.05 -10.19
N ALA B 51 -37.50 3.78 -9.96
CA ALA B 51 -37.49 4.95 -9.08
C ALA B 51 -36.95 4.61 -7.70
N LYS B 52 -37.44 3.51 -7.13
CA LYS B 52 -37.00 3.03 -5.82
C LYS B 52 -35.49 2.78 -5.79
N ALA B 53 -34.98 2.13 -6.84
CA ALA B 53 -33.54 1.89 -6.97
C ALA B 53 -32.77 3.19 -6.94
N MET B 54 -33.23 4.18 -7.70
CA MET B 54 -32.61 5.49 -7.74
C MET B 54 -32.65 6.22 -6.41
N LYS B 55 -33.76 6.06 -5.67
CA LYS B 55 -33.90 6.67 -4.34
C LYS B 55 -32.88 6.10 -3.37
N GLN B 56 -32.74 4.78 -3.37
CA GLN B 56 -31.77 4.12 -2.51
C GLN B 56 -30.37 4.49 -2.92
N LEU B 57 -30.13 4.48 -4.23
CA LEU B 57 -28.84 4.90 -4.75
C LEU B 57 -28.48 6.30 -4.27
N ALA B 58 -29.42 7.24 -4.43
CA ALA B 58 -29.23 8.61 -4.01
C ALA B 58 -29.04 8.74 -2.49
N ALA B 59 -29.75 7.91 -1.75
CA ALA B 59 -29.59 7.84 -0.30
C ALA B 59 -28.15 7.47 0.08
N ILE B 60 -27.62 6.44 -0.60
CA ILE B 60 -26.25 5.98 -0.41
C ILE B 60 -25.24 7.09 -0.71
N TRP B 61 -25.45 7.80 -1.83
CA TRP B 61 -24.60 8.91 -2.23
C TRP B 61 -24.62 10.03 -1.18
N GLU B 62 -25.81 10.36 -0.65
CA GLU B 62 -25.94 11.39 0.39
C GLU B 62 -25.11 11.00 1.60
N THR B 63 -25.26 9.75 2.02
CA THR B 63 -24.69 9.32 3.28
C THR B 63 -23.20 8.98 3.20
N ASN B 64 -22.65 8.86 2.00
CA ASN B 64 -21.24 8.42 1.89
C ASN B 64 -20.26 9.47 1.34
N ASP B 65 -20.76 10.65 1.00
CA ASP B 65 -19.97 11.74 0.38
C ASP B 65 -19.52 11.45 -1.06
N GLY B 66 -20.12 10.43 -1.69
CA GLY B 66 -19.85 10.13 -3.10
C GLY B 66 -18.53 9.45 -3.38
N LYS B 67 -18.13 8.56 -2.47
CA LYS B 67 -16.89 7.81 -2.60
C LYS B 67 -17.15 6.54 -3.39
N TRP B 68 -16.12 6.09 -4.10
CA TRP B 68 -16.26 4.99 -5.04
C TRP B 68 -15.60 3.72 -4.52
N PRO B 69 -16.34 2.59 -4.52
CA PRO B 69 -15.79 1.35 -3.97
C PRO B 69 -14.72 0.75 -4.89
N LEU B 70 -13.91 -0.12 -4.30
CA LEU B 70 -12.81 -0.76 -5.00
C LEU B 70 -13.15 -2.17 -5.45
N GLN B 71 -12.67 -2.53 -6.62
CA GLN B 71 -12.86 -3.86 -7.16
C GLN B 71 -11.56 -4.62 -6.97
N ALA B 72 -11.62 -5.76 -6.30
CA ALA B 72 -10.46 -6.66 -6.19
C ALA B 72 -9.96 -7.07 -7.57
N ARG B 73 -8.66 -7.35 -7.66
CA ARG B 73 -8.01 -7.73 -8.93
C ARG B 73 -7.98 -9.26 -9.11
N SER B 74 -7.58 -9.70 -10.31
CA SER B 74 -7.61 -11.13 -10.69
C SER B 74 -6.72 -12.02 -9.82
N ARG B 75 -5.49 -11.57 -9.60
CA ARG B 75 -4.51 -12.24 -8.75
C ARG B 75 -5.09 -12.64 -7.39
N ILE B 76 -5.54 -11.66 -6.60
CA ILE B 76 -6.04 -11.94 -5.24
C ILE B 76 -7.31 -12.81 -5.27
N LYS B 77 -8.12 -12.65 -6.32
CA LYS B 77 -9.31 -13.48 -6.49
C LYS B 77 -8.92 -14.94 -6.73
N TRP B 78 -7.86 -15.16 -7.51
CA TRP B 78 -7.31 -16.51 -7.68
C TRP B 78 -6.88 -17.10 -6.33
N ALA B 79 -6.25 -16.26 -5.50
CA ALA B 79 -5.78 -16.66 -4.19
C ALA B 79 -6.92 -17.11 -3.27
N ILE B 80 -7.98 -16.31 -3.22
CA ILE B 80 -9.14 -16.62 -2.39
C ILE B 80 -9.82 -17.90 -2.86
N ASP B 81 -9.98 -18.04 -4.18
CA ASP B 81 -10.42 -19.28 -4.80
C ASP B 81 -9.61 -20.46 -4.27
N TYR B 82 -8.28 -20.39 -4.33
CA TYR B 82 -7.46 -21.52 -3.93
C TYR B 82 -7.64 -21.88 -2.47
N ILE B 83 -7.74 -20.86 -1.61
CA ILE B 83 -7.96 -21.09 -0.18
C ILE B 83 -9.26 -21.89 0.01
N THR B 84 -10.33 -21.40 -0.61
CA THR B 84 -11.65 -22.02 -0.54
C THR B 84 -11.63 -23.46 -1.06
N LYS B 85 -10.91 -23.69 -2.14
CA LYS B 85 -10.69 -25.04 -2.65
C LYS B 85 -9.93 -25.86 -1.61
N TYR B 86 -8.77 -25.35 -1.19
CA TYR B 86 -7.84 -26.07 -0.33
C TYR B 86 -8.44 -26.56 0.98
N PHE B 87 -9.31 -25.74 1.59
CA PHE B 87 -9.89 -26.07 2.87
C PHE B 87 -11.30 -26.64 2.81
N PHE B 88 -12.17 -26.01 2.02
CA PHE B 88 -13.58 -26.31 2.11
C PHE B 88 -14.13 -27.15 0.98
N THR B 89 -14.48 -26.48 -0.13
CA THR B 89 -15.22 -27.06 -1.23
C THR B 89 -14.54 -28.25 -1.87
N GLU B 90 -13.20 -28.28 -1.87
CA GLU B 90 -12.43 -29.37 -2.47
C GLU B 90 -11.67 -30.29 -1.49
N GLY B 91 -11.38 -29.80 -0.28
CA GLY B 91 -10.63 -30.56 0.72
C GLY B 91 -9.26 -31.01 0.24
N ILE B 92 -8.56 -30.12 -0.45
CA ILE B 92 -7.24 -30.43 -1.03
C ILE B 92 -6.23 -30.80 0.06
N TYR B 93 -6.40 -30.21 1.25
CA TYR B 93 -5.54 -30.54 2.38
C TYR B 93 -5.58 -32.02 2.68
N LEU B 94 -6.75 -32.62 2.55
CA LEU B 94 -6.88 -34.05 2.74
C LEU B 94 -6.11 -34.81 1.67
N GLN B 95 -6.24 -34.38 0.41
CA GLN B 95 -5.53 -35.02 -0.68
C GLN B 95 -4.03 -34.92 -0.50
N LYS B 96 -3.58 -33.74 -0.08
CA LYS B 96 -2.16 -33.53 0.12
C LYS B 96 -1.65 -34.27 1.35
N ARG B 97 -2.51 -34.45 2.35
CA ARG B 97 -2.22 -35.30 3.51
C ARG B 97 -2.04 -36.74 3.08
N GLN B 98 -2.90 -37.18 2.16
CA GLN B 98 -2.86 -38.53 1.62
C GLN B 98 -1.53 -38.81 0.91
N ARG B 99 -1.10 -37.90 0.03
CA ARG B 99 0.19 -38.07 -0.66
C ARG B 99 1.35 -38.02 0.33
N GLU B 100 1.23 -37.18 1.35
CA GLU B 100 2.26 -37.06 2.40
C GLU B 100 2.42 -38.34 3.21
N GLN B 101 1.29 -38.92 3.64
CA GLN B 101 1.31 -40.18 4.36
C GLN B 101 1.85 -41.32 3.49
N ARG B 102 1.42 -41.38 2.24
CA ARG B 102 1.88 -42.39 1.28
C ARG B 102 3.38 -42.26 1.01
N LEU B 103 3.88 -41.02 0.98
CA LEU B 103 5.30 -40.78 0.79
C LEU B 103 6.11 -41.09 2.05
N LEU B 104 5.51 -40.87 3.22
CA LEU B 104 6.14 -41.26 4.48
C LEU B 104 6.24 -42.78 4.62
N GLU B 105 5.23 -43.49 4.11
CA GLU B 105 5.25 -44.94 4.01
C GLU B 105 6.41 -45.38 3.12
N SER B 106 6.55 -44.72 1.97
CA SER B 106 7.65 -44.98 1.01
C SER B 106 9.02 -44.75 1.62
N TYR B 107 9.15 -43.70 2.43
CA TYR B 107 10.42 -43.38 3.09
C TYR B 107 10.72 -44.34 4.22
N ARG B 108 9.67 -44.81 4.90
CA ARG B 108 9.76 -45.90 5.85
C ARG B 108 10.16 -47.20 5.14
N ALA B 109 9.78 -47.32 3.86
CA ALA B 109 10.13 -48.48 3.03
C ALA B 109 11.62 -48.56 2.70
N GLU B 110 12.22 -47.44 2.30
CA GLU B 110 13.67 -47.36 2.14
C GLU B 110 14.39 -47.49 3.50
N GLY B 111 13.62 -47.36 4.59
CA GLY B 111 14.14 -47.35 5.96
C GLY B 111 14.89 -46.07 6.29
N LYS B 112 14.63 -45.01 5.54
CA LYS B 112 15.41 -43.79 5.63
C LYS B 112 15.05 -42.94 6.84
N LEU B 113 13.74 -42.75 7.07
CA LEU B 113 13.22 -42.01 8.23
C LEU B 113 12.23 -42.88 9.01
N GLY B 114 11.97 -42.51 10.26
CA GLY B 114 11.04 -43.26 11.10
C GLY B 114 10.56 -42.53 12.34
N GLU B 115 9.32 -42.84 12.73
CA GLU B 115 8.71 -42.40 14.00
C GLU B 115 8.75 -40.88 14.21
N VAL B 116 8.51 -40.13 13.14
CA VAL B 116 8.51 -38.68 13.25
C VAL B 116 7.23 -38.22 13.92
N GLN B 117 7.38 -37.22 14.79
CA GLN B 117 6.25 -36.58 15.44
C GLN B 117 5.38 -36.00 14.33
N CYS B 118 4.24 -36.66 14.10
CA CYS B 118 3.28 -36.19 13.12
C CYS B 118 2.20 -35.36 13.76
N ARG B 119 1.90 -34.24 13.12
CA ARG B 119 0.83 -33.35 13.55
C ARG B 119 0.01 -32.95 12.34
N LEU B 120 -1.31 -33.11 12.45
CA LEU B 120 -2.24 -32.79 11.37
C LEU B 120 -3.32 -31.88 11.95
N MET B 121 -4.15 -31.30 11.09
CA MET B 121 -5.22 -30.42 11.56
C MET B 121 -6.56 -31.14 11.54
N GLU B 122 -7.41 -30.81 12.52
CA GLU B 122 -8.81 -31.25 12.51
C GLU B 122 -9.54 -30.46 11.42
N GLU B 123 -10.79 -30.85 11.12
CA GLU B 123 -11.55 -30.16 10.09
C GLU B 123 -11.63 -28.66 10.40
N PRO B 124 -11.48 -27.80 9.36
CA PRO B 124 -11.37 -26.36 9.57
C PRO B 124 -12.67 -25.70 10.03
N PRO B 125 -12.57 -24.57 10.77
CA PRO B 125 -13.76 -23.87 11.26
C PRO B 125 -14.51 -23.16 10.14
N ASP B 126 -15.66 -22.57 10.47
CA ASP B 126 -16.47 -21.80 9.52
C ASP B 126 -15.70 -20.61 8.94
N ARG B 127 -15.11 -19.79 9.82
CA ARG B 127 -14.25 -18.67 9.41
C ARG B 127 -12.78 -19.01 9.59
N LEU B 128 -11.98 -18.73 8.57
CA LEU B 128 -10.56 -19.08 8.53
C LEU B 128 -9.68 -17.92 8.96
N HIS B 129 -8.76 -18.22 9.87
CA HIS B 129 -7.88 -17.22 10.47
C HIS B 129 -6.71 -16.99 9.51
N VAL B 130 -6.88 -16.03 8.62
CA VAL B 130 -5.90 -15.74 7.58
C VAL B 130 -5.03 -14.53 7.96
N LEU B 131 -3.71 -14.67 7.80
CA LEU B 131 -2.80 -13.55 8.01
C LEU B 131 -2.35 -12.97 6.68
N ASP B 132 -2.89 -11.80 6.35
CA ASP B 132 -2.54 -11.08 5.13
C ASP B 132 -1.37 -10.15 5.40
N VAL B 133 -0.17 -10.64 5.15
CA VAL B 133 1.03 -9.81 5.22
C VAL B 133 1.25 -9.21 3.83
N GLY B 134 1.54 -7.92 3.80
CA GLY B 134 1.72 -7.21 2.52
C GLY B 134 0.42 -6.85 1.81
N SER B 135 -0.67 -6.74 2.60
CA SER B 135 -1.93 -6.06 2.20
C SER B 135 -2.60 -6.47 0.87
N CYS B 136 -3.11 -7.70 0.82
CA CYS B 136 -3.76 -8.21 -0.39
C CYS B 136 -5.27 -7.98 -0.40
N PHE B 137 -5.94 -8.27 0.72
CA PHE B 137 -7.38 -8.10 0.79
C PHE B 137 -7.66 -6.64 1.00
N ASN B 138 -8.47 -6.08 0.11
CA ASN B 138 -8.92 -4.70 0.29
C ASN B 138 -10.11 -4.70 1.25
N PRO B 139 -10.51 -3.51 1.74
CA PRO B 139 -11.64 -3.44 2.66
C PRO B 139 -12.97 -3.91 2.06
N PHE B 140 -13.14 -3.74 0.74
CA PHE B 140 -14.39 -4.08 0.08
C PHE B 140 -14.52 -5.54 -0.32
N SER B 141 -13.42 -6.29 -0.21
CA SER B 141 -13.43 -7.70 -0.62
C SER B 141 -14.53 -8.46 0.11
N SER B 142 -15.30 -9.22 -0.67
CA SER B 142 -16.25 -10.17 -0.11
C SER B 142 -15.46 -11.43 0.26
N ALA B 143 -14.73 -11.35 1.37
CA ALA B 143 -14.06 -12.49 1.95
C ALA B 143 -15.05 -13.06 3.00
N PRO B 144 -15.85 -14.08 2.62
CA PRO B 144 -17.02 -14.43 3.45
C PRO B 144 -16.72 -15.18 4.75
N HIS B 145 -15.68 -16.01 4.71
CA HIS B 145 -15.36 -17.00 5.73
C HIS B 145 -13.93 -16.78 6.19
N LEU B 146 -13.41 -15.58 5.91
CA LEU B 146 -11.98 -15.32 6.07
C LEU B 146 -11.77 -14.17 7.03
N GLU B 147 -11.54 -14.51 8.30
CA GLU B 147 -11.05 -13.55 9.27
C GLU B 147 -9.62 -13.20 8.87
N VAL B 148 -9.48 -12.02 8.27
CA VAL B 148 -8.22 -11.59 7.72
C VAL B 148 -7.54 -10.59 8.65
N THR B 149 -6.43 -11.03 9.25
CA THR B 149 -5.55 -10.16 10.02
C THR B 149 -4.49 -9.60 9.04
N ALA B 150 -4.48 -8.28 8.89
CA ALA B 150 -3.66 -7.63 7.86
C ALA B 150 -2.53 -6.79 8.45
N LEU B 151 -1.35 -6.90 7.85
CA LEU B 151 -0.14 -6.22 8.33
C LEU B 151 0.52 -5.40 7.25
N ASP B 152 1.03 -4.23 7.62
CA ASP B 152 1.77 -3.40 6.69
C ASP B 152 2.77 -2.50 7.40
N LEU B 153 3.77 -2.08 6.63
CA LEU B 153 4.86 -1.30 7.17
C LEU B 153 4.48 0.17 7.36
N CYS B 154 3.96 0.78 6.31
CA CYS B 154 3.29 2.09 6.42
C CYS B 154 1.86 1.90 5.89
N PRO B 155 0.94 1.42 6.78
CA PRO B 155 -0.45 1.26 6.38
C PRO B 155 -1.10 2.60 6.10
N ALA B 156 -2.18 2.56 5.36
CA ALA B 156 -2.92 3.76 5.01
C ALA B 156 -4.36 3.73 5.53
N THR B 157 -4.83 2.52 5.83
CA THR B 157 -6.21 2.31 6.27
C THR B 157 -6.25 1.80 7.70
N GLU B 158 -7.42 1.98 8.33
CA GLU B 158 -7.62 1.60 9.73
C GLU B 158 -7.66 0.07 9.92
N ASP B 159 -7.97 -0.67 8.85
CA ASP B 159 -8.10 -2.14 8.88
C ASP B 159 -6.78 -2.89 8.71
N VAL B 160 -5.68 -2.17 8.59
CA VAL B 160 -4.37 -2.78 8.43
C VAL B 160 -3.52 -2.34 9.61
N LEU B 161 -2.68 -3.23 10.11
CA LEU B 161 -1.91 -2.97 11.32
C LEU B 161 -0.48 -2.57 11.02
N GLN B 162 0.03 -1.64 11.83
CA GLN B 162 1.44 -1.29 11.83
C GLN B 162 2.23 -2.49 12.32
N ALA B 163 3.22 -2.92 11.53
CA ALA B 163 4.12 -4.03 11.92
C ALA B 163 5.29 -4.19 10.97
N ASP B 164 6.46 -4.45 11.55
CA ASP B 164 7.61 -4.94 10.81
C ASP B 164 7.67 -6.45 11.04
N PHE B 165 7.37 -7.19 9.98
CA PHE B 165 7.09 -8.62 10.07
C PHE B 165 8.20 -9.45 10.73
N LEU B 166 9.45 -9.18 10.36
CA LEU B 166 10.58 -9.92 10.93
C LEU B 166 10.87 -9.47 12.35
N LYS B 167 10.59 -8.20 12.64
CA LYS B 167 10.72 -7.65 13.97
C LYS B 167 9.56 -8.06 14.90
N VAL B 168 8.52 -8.70 14.36
CA VAL B 168 7.39 -9.17 15.19
C VAL B 168 7.80 -10.45 15.92
N GLU B 169 7.52 -10.48 17.23
CA GLU B 169 7.77 -11.65 18.09
C GLU B 169 6.55 -12.58 18.05
N VAL B 170 6.79 -13.82 17.64
CA VAL B 170 5.74 -14.83 17.48
C VAL B 170 5.64 -15.65 18.77
N VAL B 171 4.56 -15.42 19.51
CA VAL B 171 4.45 -15.88 20.89
C VAL B 171 3.47 -17.06 20.99
N PRO B 172 3.89 -18.19 21.60
CA PRO B 172 2.96 -19.30 21.84
C PRO B 172 1.92 -18.98 22.92
N GLY B 173 0.71 -19.51 22.75
CA GLY B 173 -0.33 -19.37 23.77
C GLY B 173 -1.37 -18.29 23.51
N ILE B 174 -0.94 -17.09 23.10
CA ILE B 174 -1.86 -15.97 22.84
C ILE B 174 -2.83 -16.29 21.70
N ARG B 175 -4.08 -15.84 21.83
CA ARG B 175 -5.15 -16.12 20.86
C ARG B 175 -5.41 -14.96 19.89
N GLU B 176 -4.80 -13.81 20.16
CA GLU B 176 -4.95 -12.60 19.37
C GLU B 176 -3.62 -11.88 19.29
N PRO B 177 -3.49 -10.89 18.36
CA PRO B 177 -2.24 -10.10 18.29
C PRO B 177 -1.98 -9.25 19.53
N GLU B 178 -0.74 -8.81 19.68
CA GLU B 178 -0.37 -7.91 20.76
C GLU B 178 0.44 -6.75 20.20
N LEU B 179 -0.21 -5.60 20.10
CA LEU B 179 0.43 -4.38 19.63
C LEU B 179 0.92 -3.51 20.81
N GLU B 180 2.21 -3.24 20.83
CA GLU B 180 2.81 -2.38 21.85
C GLU B 180 3.02 -0.98 21.28
N GLU B 181 2.13 -0.06 21.68
CA GLU B 181 2.16 1.37 21.29
C GLU B 181 2.01 1.58 19.76
N GLY B 182 0.94 1.00 19.22
CA GLY B 182 0.59 1.19 17.82
C GLY B 182 1.07 0.14 16.86
N SER B 183 2.16 -0.55 17.23
CA SER B 183 2.76 -1.56 16.35
C SER B 183 2.70 -2.94 16.97
N VAL B 184 2.50 -3.96 16.14
CA VAL B 184 2.50 -5.35 16.61
C VAL B 184 3.92 -5.74 17.03
N ARG B 185 4.05 -6.06 18.31
CA ARG B 185 5.30 -6.59 18.86
C ARG B 185 5.21 -8.12 19.08
N ARG B 186 3.98 -8.64 19.09
CA ARG B 186 3.71 -10.05 19.42
C ARG B 186 2.50 -10.57 18.67
N LEU B 187 2.68 -11.69 17.99
CA LEU B 187 1.63 -12.35 17.20
C LEU B 187 1.37 -13.77 17.67
N PRO B 188 0.08 -14.19 17.63
CA PRO B 188 -0.25 -15.56 18.05
C PRO B 188 0.41 -16.59 17.16
N ALA B 189 1.12 -17.52 17.81
CA ALA B 189 1.90 -18.54 17.12
C ALA B 189 1.08 -19.77 16.78
N SER B 190 1.34 -20.33 15.60
CA SER B 190 0.62 -21.50 15.08
C SER B 190 -0.90 -21.39 15.29
N HIS B 191 -1.46 -20.31 14.75
CA HIS B 191 -2.84 -19.89 14.97
C HIS B 191 -3.59 -19.76 13.65
N TYR B 192 -2.88 -19.32 12.61
CA TYR B 192 -3.51 -18.95 11.36
C TYR B 192 -3.59 -20.13 10.37
N GLU B 193 -4.75 -20.30 9.75
CA GLU B 193 -4.96 -21.30 8.70
C GLU B 193 -4.19 -21.01 7.42
N CYS B 194 -4.03 -19.74 7.10
CA CYS B 194 -3.26 -19.33 5.93
C CYS B 194 -2.48 -18.04 6.18
N VAL B 195 -1.37 -17.89 5.45
CA VAL B 195 -0.58 -16.66 5.43
C VAL B 195 -0.29 -16.28 3.99
N ILE B 196 -0.50 -15.00 3.68
CA ILE B 196 -0.33 -14.50 2.32
C ILE B 196 0.83 -13.50 2.27
N PHE B 197 1.59 -13.62 1.20
CA PHE B 197 2.83 -12.87 0.97
C PHE B 197 2.82 -12.24 -0.39
N SER B 198 3.49 -11.08 -0.48
CA SER B 198 3.74 -10.43 -1.76
C SER B 198 5.24 -10.18 -1.86
N LEU B 199 5.89 -10.84 -2.82
CA LEU B 199 7.36 -10.75 -2.97
C LEU B 199 7.82 -10.16 -4.32
N LEU B 200 8.79 -9.25 -4.29
CA LEU B 200 9.41 -8.70 -5.52
C LEU B 200 10.93 -8.45 -5.37
N LEU B 201 11.61 -8.31 -6.52
CA LEU B 201 13.07 -8.06 -6.56
C LEU B 201 13.45 -6.60 -6.29
N PRO B 205 14.70 -7.51 -0.81
CA PRO B 205 14.76 -8.79 -1.51
C PRO B 205 16.15 -9.47 -1.42
N SER B 206 16.53 -9.90 -0.22
CA SER B 206 17.73 -10.73 -0.03
C SER B 206 17.37 -12.22 0.02
N ALA B 207 18.40 -13.05 0.16
CA ALA B 207 18.23 -14.49 0.29
C ALA B 207 17.88 -14.88 1.72
N GLU B 208 18.81 -14.62 2.64
CA GLU B 208 18.63 -14.91 4.05
C GLU B 208 17.34 -14.29 4.57
N GLN B 209 17.04 -13.08 4.10
CA GLN B 209 15.82 -12.35 4.50
C GLN B 209 14.54 -13.05 4.06
N ARG B 210 14.46 -13.40 2.78
CA ARG B 210 13.28 -14.07 2.24
C ARG B 210 13.05 -15.41 2.93
N LEU B 211 14.14 -16.17 3.11
CA LEU B 211 14.08 -17.42 3.85
C LEU B 211 13.60 -17.21 5.29
N GLN B 212 14.07 -16.13 5.91
CA GLN B 212 13.65 -15.74 7.26
C GLN B 212 12.17 -15.46 7.38
N CYS B 213 11.62 -14.81 6.36
CA CYS B 213 10.21 -14.52 6.32
C CYS B 213 9.37 -15.77 6.13
N CYS B 214 9.85 -16.66 5.27
CA CYS B 214 9.23 -17.96 5.08
C CYS B 214 9.29 -18.77 6.37
N LEU B 215 10.35 -18.56 7.15
CA LEU B 215 10.47 -19.20 8.45
C LEU B 215 9.44 -18.66 9.43
N GLN B 216 9.30 -17.34 9.52
CA GLN B 216 8.31 -16.73 10.41
C GLN B 216 6.89 -17.15 10.01
N ALA B 217 6.66 -17.26 8.71
CA ALA B 217 5.40 -17.80 8.18
C ALA B 217 5.15 -19.21 8.68
N TYR B 218 6.18 -20.05 8.64
CA TYR B 218 6.12 -21.42 9.13
C TYR B 218 5.66 -21.45 10.58
N ASP B 219 6.31 -20.66 11.43
CA ASP B 219 6.01 -20.64 12.86
C ASP B 219 4.59 -20.14 13.17
N LEU B 220 4.05 -19.28 12.30
CA LEU B 220 2.72 -18.69 12.50
C LEU B 220 1.57 -19.56 11.98
N LEU B 221 1.89 -20.67 11.32
CA LEU B 221 0.88 -21.47 10.65
C LEU B 221 0.52 -22.74 11.41
N LEU B 222 -0.73 -23.17 11.25
CA LEU B 222 -1.21 -24.45 11.76
C LEU B 222 -0.65 -25.60 10.90
N PRO B 223 -0.67 -26.85 11.44
CA PRO B 223 -0.30 -27.97 10.57
C PRO B 223 -1.23 -28.04 9.37
N GLU B 224 -0.63 -28.27 8.21
CA GLU B 224 -1.33 -28.35 6.92
C GLU B 224 -1.93 -27.00 6.51
N GLY B 225 -1.33 -25.93 7.03
CA GLY B 225 -1.68 -24.56 6.66
C GLY B 225 -0.92 -24.13 5.41
N ILE B 226 -1.42 -23.09 4.77
CA ILE B 226 -0.87 -22.66 3.48
C ILE B 226 -0.24 -21.28 3.52
N LEU B 227 0.87 -21.17 2.82
CA LEU B 227 1.56 -19.91 2.61
C LEU B 227 1.46 -19.59 1.12
N VAL B 228 0.73 -18.53 0.81
CA VAL B 228 0.47 -18.15 -0.57
C VAL B 228 1.39 -17.01 -0.97
N LEU B 229 2.32 -17.31 -1.88
CA LEU B 229 3.28 -16.34 -2.37
C LEU B 229 2.86 -15.77 -3.71
N ILE B 230 2.43 -14.52 -3.69
CA ILE B 230 2.18 -13.78 -4.92
C ILE B 230 3.44 -13.02 -5.25
N THR B 231 3.94 -13.27 -6.46
CA THR B 231 5.09 -12.58 -6.97
C THR B 231 4.83 -12.15 -8.42
N PRO B 232 5.06 -10.85 -8.73
CA PRO B 232 4.85 -10.31 -10.06
C PRO B 232 6.07 -10.41 -10.99
N ASP B 233 5.84 -10.14 -12.28
CA ASP B 233 6.84 -10.24 -13.36
C ASP B 233 7.50 -11.63 -13.44
N MET B 244 15.98 -19.03 -9.10
CA MET B 244 14.65 -19.02 -8.48
C MET B 244 14.01 -20.42 -8.39
N LYS B 245 14.72 -21.44 -8.88
CA LYS B 245 14.23 -22.82 -8.88
C LYS B 245 14.57 -23.56 -7.59
N ASN B 246 15.73 -23.22 -7.02
CA ASN B 246 16.20 -23.73 -5.73
C ASN B 246 15.35 -23.23 -4.56
N TRP B 247 14.35 -22.39 -4.86
CA TRP B 247 13.34 -21.98 -3.89
C TRP B 247 12.65 -23.19 -3.26
N ARG B 248 12.37 -24.20 -4.09
CA ARG B 248 11.60 -25.36 -3.66
C ARG B 248 12.32 -26.18 -2.61
N TYR B 249 13.63 -26.37 -2.82
CA TYR B 249 14.47 -27.07 -1.87
C TYR B 249 14.59 -26.32 -0.53
N SER B 250 14.98 -25.04 -0.60
CA SER B 250 15.19 -24.21 0.59
C SER B 250 13.96 -24.16 1.49
N LEU B 251 12.80 -24.13 0.84
CA LEU B 251 11.52 -24.09 1.54
C LEU B 251 11.11 -25.45 2.09
N ALA B 252 11.45 -26.52 1.36
CA ALA B 252 11.23 -27.87 1.86
C ALA B 252 12.14 -28.16 3.04
N ARG B 253 13.37 -27.65 2.99
CA ARG B 253 14.37 -27.82 4.03
C ARG B 253 13.87 -27.34 5.39
N ILE B 254 12.84 -26.48 5.39
CA ILE B 254 12.23 -25.99 6.63
C ILE B 254 10.81 -26.50 6.86
N GLY B 255 10.38 -27.46 6.03
CA GLY B 255 9.09 -28.14 6.27
C GLY B 255 7.93 -27.70 5.40
N LEU B 256 8.24 -27.03 4.28
CA LEU B 256 7.22 -26.49 3.40
C LEU B 256 7.27 -27.09 2.01
N LEU B 257 6.13 -27.64 1.58
CA LEU B 257 6.05 -28.26 0.29
C LEU B 257 5.03 -27.52 -0.56
N ARG B 258 5.45 -27.11 -1.76
CA ARG B 258 4.56 -26.49 -2.71
C ARG B 258 3.47 -27.47 -3.14
N VAL B 259 2.27 -26.94 -3.35
CA VAL B 259 1.10 -27.75 -3.69
C VAL B 259 0.49 -27.38 -5.05
N ARG B 260 0.63 -26.11 -5.42
CA ARG B 260 0.08 -25.58 -6.66
C ARG B 260 0.99 -24.46 -7.16
N PHE B 261 0.86 -24.14 -8.44
CA PHE B 261 1.66 -23.13 -9.09
C PHE B 261 0.93 -22.75 -10.37
N GLU B 262 0.53 -21.48 -10.48
CA GLU B 262 -0.08 -20.95 -11.70
C GLU B 262 0.60 -19.65 -12.09
N LYS B 263 1.03 -19.58 -13.35
CA LYS B 263 1.57 -18.36 -13.92
C LYS B 263 0.41 -17.62 -14.58
N LEU B 264 0.04 -16.50 -13.99
CA LEU B 264 -1.04 -15.65 -14.49
C LEU B 264 -0.46 -14.56 -15.43
N PRO B 265 -1.33 -13.76 -16.08
CA PRO B 265 -0.79 -12.61 -16.82
C PRO B 265 -0.07 -11.63 -15.87
N HIS B 266 1.24 -11.49 -16.11
CA HIS B 266 2.16 -10.60 -15.35
C HIS B 266 2.57 -11.16 -13.99
N ILE B 267 1.80 -12.11 -13.47
CA ILE B 267 1.90 -12.57 -12.08
C ILE B 267 2.09 -14.07 -11.98
N SER B 268 2.86 -14.47 -10.97
CA SER B 268 3.04 -15.88 -10.66
C SER B 268 2.74 -16.04 -9.18
N CYS B 269 1.72 -16.83 -8.88
CA CYS B 269 1.39 -17.13 -7.50
C CYS B 269 1.50 -18.60 -7.26
N MET B 270 2.01 -18.94 -6.08
CA MET B 270 2.19 -20.32 -5.68
C MET B 270 1.80 -20.49 -4.21
N VAL B 271 1.54 -21.74 -3.84
CA VAL B 271 1.12 -22.07 -2.50
C VAL B 271 2.05 -23.14 -1.95
N PHE B 272 2.55 -22.90 -0.74
CA PHE B 272 3.31 -23.90 0.00
C PHE B 272 2.52 -24.34 1.21
N ARG B 273 2.76 -25.59 1.61
CA ARG B 273 1.99 -26.24 2.66
C ARG B 273 2.89 -26.70 3.78
N LYS B 274 2.36 -26.57 5.01
CA LYS B 274 3.00 -27.03 6.22
C LYS B 274 2.80 -28.54 6.34
N ALA B 275 3.83 -29.30 5.96
CA ALA B 275 3.72 -30.75 5.84
C ALA B 275 3.55 -31.43 7.20
N ILE B 276 3.01 -32.64 7.17
CA ILE B 276 2.69 -33.42 8.37
C ILE B 276 3.90 -33.71 9.25
N SER B 277 5.11 -33.47 8.72
CA SER B 277 6.35 -33.57 9.50
C SER B 277 7.47 -32.73 8.90
N ARG B 278 8.16 -31.95 9.74
CA ARG B 278 9.34 -31.18 9.31
C ARG B 278 10.43 -32.10 8.75
N GLU B 279 10.72 -33.20 9.48
CA GLU B 279 11.73 -34.18 9.05
C GLU B 279 11.39 -34.88 7.75
N LEU B 280 10.08 -35.05 7.50
CA LEU B 280 9.58 -35.60 6.24
C LEU B 280 9.98 -34.71 5.05
N SER B 281 9.74 -33.41 5.17
CA SER B 281 10.12 -32.44 4.15
C SER B 281 11.63 -32.32 4.03
N GLN B 282 12.33 -32.46 5.14
CA GLN B 282 13.79 -32.42 5.16
C GLN B 282 14.37 -33.56 4.34
N HIS B 283 13.82 -34.76 4.55
CA HIS B 283 14.22 -35.91 3.74
C HIS B 283 13.89 -35.67 2.27
N TRP B 284 12.68 -35.18 2.00
CA TRP B 284 12.27 -34.89 0.63
C TRP B 284 13.30 -34.03 -0.09
N ALA B 285 13.69 -32.93 0.56
CA ALA B 285 14.75 -32.05 0.07
C ALA B 285 15.99 -32.83 -0.32
N SER B 286 16.41 -33.76 0.54
CA SER B 286 17.63 -34.56 0.32
C SER B 286 17.63 -35.26 -1.03
N ILE B 287 16.52 -35.91 -1.37
CA ILE B 287 16.46 -36.77 -2.56
C ILE B 287 16.71 -36.02 -3.87
N HIS B 288 16.26 -34.77 -3.93
CA HIS B 288 16.23 -34.03 -5.19
C HIS B 288 17.48 -33.19 -5.49
N ARG B 289 18.43 -33.15 -4.56
CA ARG B 289 19.74 -32.54 -4.81
C ARG B 289 20.84 -33.60 -4.93
#